data_6E2H
#
_entry.id   6E2H
#
_cell.length_a   103.011
_cell.length_b   103.011
_cell.length_c   129.138
_cell.angle_alpha   90.00
_cell.angle_beta   90.00
_cell.angle_gamma   90.00
#
_symmetry.space_group_name_H-M   'P 43 21 2'
#
loop_
_entity.id
_entity.type
_entity.pdbx_description
1 polymer 'Set1/Ash2 histone methyltransferase complex subunit ASH2'
2 polymer 'Protein dpy-30 homolog'
3 water water
#
loop_
_entity_poly.entity_id
_entity_poly.type
_entity_poly.pdbx_seq_one_letter_code
_entity_poly.pdbx_strand_id
1 'polypeptide(L)'
;ATYAMGSMRVLLALHDRAPQLKISDDRLTVVGEKGYSMVRASHGVRKGAWYFEITVDEMPPDTAARLGWSQPLGNLQAPL
GYDKFSYSWRSKKGTKFHQSIGKHYSSGYGQGDVLGFYINLPEDTISGRGSEIIFYKNGVNQGVAYKDIFEGVYFPAISL
YKSCTVSINFGPCFKYPPKDLTYRPMSDMGWGAVVEHTLADVLYHVETEVDGRR
;
D
2 'polypeptide(L)'
;GMEPEQMLEGQTQVAENPHSEYGLTDNVERIVENEKINAEKSSKQKVDLQSLPTRAYLDQTVVPILLQGLAVLAKERPPN
PIEFLASYLLKNKAQFEDRN
;
E,F
#
# COMPACT_ATOMS: atom_id res chain seq x y z
N ALA A 1 -15.61 -15.15 -15.34
CA ALA A 1 -15.05 -14.03 -14.58
C ALA A 1 -15.45 -12.69 -15.21
N THR A 2 -16.17 -11.88 -14.45
CA THR A 2 -16.60 -10.57 -14.93
C THR A 2 -15.44 -9.58 -14.82
N TYR A 3 -15.35 -8.69 -15.82
CA TYR A 3 -14.26 -7.73 -15.88
C TYR A 3 -14.20 -6.87 -14.63
N ALA A 4 -13.01 -6.73 -14.05
CA ALA A 4 -12.81 -5.97 -12.82
C ALA A 4 -12.79 -4.48 -13.16
N MET A 5 -14.00 -3.93 -13.33
CA MET A 5 -14.18 -2.56 -13.76
C MET A 5 -13.87 -1.53 -12.68
N GLY A 6 -13.94 -1.93 -11.41
CA GLY A 6 -13.76 -0.97 -10.34
C GLY A 6 -14.94 -0.01 -10.26
N SER A 7 -14.70 1.11 -9.57
CA SER A 7 -15.73 2.12 -9.38
C SER A 7 -15.92 2.93 -10.65
N MET A 8 -17.17 3.34 -10.90
CA MET A 8 -17.49 4.09 -12.11
C MET A 8 -16.75 5.42 -12.15
N ARG A 9 -16.64 6.09 -11.02
CA ARG A 9 -15.87 7.31 -10.89
C ARG A 9 -14.71 7.05 -9.94
N VAL A 10 -13.64 7.83 -10.09
CA VAL A 10 -12.56 7.77 -9.11
C VAL A 10 -13.03 8.48 -7.85
N LEU A 11 -12.94 7.77 -6.73
CA LEU A 11 -13.36 8.27 -5.43
C LEU A 11 -12.32 7.85 -4.41
N LEU A 12 -12.46 8.37 -3.19
CA LEU A 12 -11.73 7.78 -2.08
C LEU A 12 -12.25 6.36 -1.85
N ALA A 13 -11.34 5.45 -1.55
CA ALA A 13 -11.69 4.04 -1.52
C ALA A 13 -12.64 3.72 -0.38
N LEU A 14 -13.48 2.70 -0.60
CA LEU A 14 -14.43 2.27 0.42
C LEU A 14 -13.72 1.53 1.55
N HIS A 15 -12.88 0.56 1.20
CA HIS A 15 -12.24 -0.31 2.19
C HIS A 15 -10.73 -0.13 2.27
N ASP A 16 -10.09 0.39 1.23
CA ASP A 16 -8.64 0.60 1.20
C ASP A 16 -8.31 1.90 1.92
N ARG A 17 -8.58 1.91 3.23
CA ARG A 17 -8.47 3.13 4.02
CA ARG A 17 -8.46 3.13 4.02
C ARG A 17 -8.35 2.77 5.49
N ALA A 18 -7.76 3.68 6.25
CA ALA A 18 -7.76 3.54 7.70
C ALA A 18 -9.18 3.72 8.20
N PRO A 19 -9.70 2.81 9.02
CA PRO A 19 -11.11 2.92 9.44
C PRO A 19 -11.40 4.14 10.29
N GLN A 20 -10.40 4.76 10.93
CA GLN A 20 -10.70 5.91 11.78
C GLN A 20 -10.88 7.20 11.01
N LEU A 21 -10.48 7.25 9.74
CA LEU A 21 -10.73 8.45 8.95
C LEU A 21 -12.23 8.61 8.68
N LYS A 22 -12.68 9.86 8.66
CA LYS A 22 -14.08 10.19 8.43
C LYS A 22 -14.24 10.66 6.99
N ILE A 23 -15.01 9.91 6.22
CA ILE A 23 -15.14 10.13 4.78
C ILE A 23 -16.58 10.50 4.45
N SER A 24 -16.73 11.50 3.59
CA SER A 24 -18.02 12.06 3.25
C SER A 24 -18.85 11.07 2.44
N ASP A 25 -20.15 11.38 2.34
CA ASP A 25 -21.04 10.51 1.57
C ASP A 25 -20.62 10.46 0.10
N ASP A 26 -20.16 11.58 -0.44
CA ASP A 26 -19.73 11.57 -1.84
C ASP A 26 -18.30 11.07 -2.01
N ARG A 27 -17.64 10.71 -0.91
CA ARG A 27 -16.32 10.06 -0.93
C ARG A 27 -15.26 10.92 -1.60
N LEU A 28 -15.39 12.24 -1.48
CA LEU A 28 -14.40 13.18 -1.97
C LEU A 28 -13.82 14.07 -0.88
N THR A 29 -14.35 14.02 0.34
CA THR A 29 -13.87 14.81 1.46
C THR A 29 -13.54 13.87 2.61
N VAL A 30 -12.47 14.18 3.35
CA VAL A 30 -12.02 13.32 4.44
C VAL A 30 -11.48 14.17 5.58
N VAL A 31 -11.74 13.71 6.80
CA VAL A 31 -11.34 14.39 8.02
C VAL A 31 -10.45 13.44 8.82
N GLY A 32 -9.32 13.96 9.30
CA GLY A 32 -8.40 13.15 10.07
C GLY A 32 -8.89 12.89 11.48
N GLU A 33 -8.22 11.94 12.13
CA GLU A 33 -8.61 11.52 13.48
C GLU A 33 -7.35 11.06 14.21
N LYS A 34 -6.87 11.89 15.12
CA LYS A 34 -5.73 11.59 16.02
C LYS A 34 -4.48 11.39 15.14
N GLY A 35 -3.65 10.39 15.44
CA GLY A 35 -2.40 10.23 14.73
C GLY A 35 -2.59 9.97 13.25
N TYR A 36 -1.49 10.10 12.52
CA TYR A 36 -1.50 9.97 11.06
C TYR A 36 -2.15 8.65 10.64
N SER A 37 -3.06 8.74 9.68
CA SER A 37 -3.62 7.57 9.02
C SER A 37 -4.01 7.98 7.60
N MET A 38 -4.17 6.97 6.73
CA MET A 38 -4.16 7.22 5.29
C MET A 38 -5.36 6.58 4.60
N VAL A 39 -5.71 7.15 3.44
CA VAL A 39 -6.70 6.59 2.53
C VAL A 39 -6.17 6.72 1.11
N ARG A 40 -6.39 5.69 0.30
CA ARG A 40 -6.05 5.71 -1.12
C ARG A 40 -7.31 5.89 -1.96
N ALA A 41 -7.13 6.39 -3.17
CA ALA A 41 -8.23 6.47 -4.11
C ALA A 41 -8.61 5.08 -4.61
N SER A 42 -9.73 5.00 -5.33
CA SER A 42 -10.24 3.71 -5.78
C SER A 42 -9.57 3.22 -7.07
N HIS A 43 -8.84 4.08 -7.78
CA HIS A 43 -8.10 3.69 -8.97
C HIS A 43 -6.68 4.22 -8.88
N GLY A 44 -5.73 3.48 -9.47
CA GLY A 44 -4.35 3.88 -9.51
C GLY A 44 -3.78 3.71 -10.90
N VAL A 45 -2.63 4.34 -11.13
CA VAL A 45 -2.05 4.39 -12.47
C VAL A 45 -0.69 3.72 -12.48
N ARG A 46 -0.40 3.09 -13.63
CA ARG A 46 0.82 2.35 -13.87
C ARG A 46 1.73 2.99 -14.91
N LYS A 47 1.16 3.73 -15.86
CA LYS A 47 1.92 4.32 -16.96
C LYS A 47 1.26 5.62 -17.38
N GLY A 48 2.08 6.55 -17.86
CA GLY A 48 1.59 7.82 -18.37
C GLY A 48 1.70 8.94 -17.36
N ALA A 49 1.20 10.11 -17.76
CA ALA A 49 1.20 11.31 -16.94
C ALA A 49 -0.21 11.57 -16.42
N TRP A 50 -0.32 11.81 -15.11
CA TRP A 50 -1.62 11.90 -14.46
C TRP A 50 -1.61 13.02 -13.42
N TYR A 51 -2.80 13.54 -13.12
CA TYR A 51 -2.96 14.72 -12.28
C TYR A 51 -4.21 14.63 -11.43
N PHE A 52 -4.12 15.18 -10.21
CA PHE A 52 -5.30 15.42 -9.38
C PHE A 52 -5.02 16.60 -8.48
N GLU A 53 -6.08 17.09 -7.82
CA GLU A 53 -5.99 18.24 -6.93
C GLU A 53 -6.56 17.89 -5.56
N ILE A 54 -6.04 18.56 -4.54
CA ILE A 54 -6.58 18.50 -3.18
C ILE A 54 -6.69 19.92 -2.65
N THR A 55 -7.85 20.25 -2.09
CA THR A 55 -8.08 21.53 -1.43
C THR A 55 -8.07 21.30 0.07
N VAL A 56 -7.26 22.10 0.78
CA VAL A 56 -7.26 22.06 2.25
C VAL A 56 -8.44 22.89 2.72
N ASP A 57 -9.55 22.22 3.05
CA ASP A 57 -10.75 22.93 3.45
C ASP A 57 -10.59 23.59 4.82
N GLU A 58 -10.12 22.83 5.80
CA GLU A 58 -9.85 23.36 7.12
C GLU A 58 -8.61 22.69 7.69
N MET A 59 -7.75 23.49 8.29
CA MET A 59 -6.54 23.00 8.95
C MET A 59 -6.36 23.80 10.23
N PRO A 60 -7.02 23.40 11.31
CA PRO A 60 -6.87 24.10 12.59
C PRO A 60 -5.43 24.03 13.09
N PRO A 61 -5.07 24.79 14.12
CA PRO A 61 -3.75 24.64 14.71
C PRO A 61 -3.52 23.21 15.19
N ASP A 62 -2.27 22.77 15.09
CA ASP A 62 -1.85 21.42 15.52
C ASP A 62 -2.51 20.32 14.70
N THR A 63 -2.81 20.58 13.43
CA THR A 63 -3.20 19.54 12.50
C THR A 63 -2.32 19.63 11.25
N ALA A 64 -2.24 18.52 10.52
CA ALA A 64 -1.29 18.46 9.42
C ALA A 64 -1.74 17.42 8.40
N ALA A 65 -1.17 17.52 7.21
CA ALA A 65 -1.43 16.60 6.12
C ALA A 65 -0.12 16.23 5.43
N ARG A 66 -0.05 14.98 4.99
CA ARG A 66 0.98 14.53 4.07
CA ARG A 66 0.98 14.53 4.07
C ARG A 66 0.27 13.89 2.88
N LEU A 67 0.37 14.52 1.72
CA LEU A 67 -0.43 14.19 0.55
C LEU A 67 0.48 13.78 -0.60
N GLY A 68 -0.04 12.91 -1.46
CA GLY A 68 0.74 12.45 -2.60
C GLY A 68 0.27 11.15 -3.23
N TRP A 69 1.19 10.21 -3.40
CA TRP A 69 0.94 8.98 -4.15
C TRP A 69 1.39 7.77 -3.34
N SER A 70 0.64 6.68 -3.45
CA SER A 70 0.96 5.46 -2.73
C SER A 70 0.68 4.23 -3.58
N GLN A 71 1.60 3.27 -3.51
CA GLN A 71 1.37 1.93 -4.05
C GLN A 71 0.47 1.16 -3.10
N PRO A 72 -0.10 0.03 -3.54
CA PRO A 72 -1.07 -0.68 -2.68
C PRO A 72 -0.53 -1.10 -1.32
N LEU A 73 0.78 -1.32 -1.18
CA LEU A 73 1.32 -1.83 0.08
C LEU A 73 1.65 -0.74 1.09
N GLY A 74 1.51 0.53 0.72
CA GLY A 74 1.72 1.62 1.66
C GLY A 74 0.92 1.44 2.94
N ASN A 75 1.56 1.69 4.07
CA ASN A 75 0.97 1.43 5.38
C ASN A 75 -0.15 2.44 5.65
N LEU A 76 -1.38 1.94 5.86
CA LEU A 76 -2.52 2.82 6.10
C LEU A 76 -2.55 3.42 7.48
N GLN A 77 -1.77 2.89 8.43
CA GLN A 77 -1.71 3.40 9.79
C GLN A 77 -0.43 4.17 10.06
N ALA A 78 0.11 4.80 9.04
CA ALA A 78 1.33 5.59 9.11
C ALA A 78 1.16 6.82 8.22
N PRO A 79 1.93 7.88 8.45
CA PRO A 79 1.87 9.02 7.55
C PRO A 79 2.28 8.62 6.14
N LEU A 80 1.72 9.30 5.15
CA LEU A 80 2.14 9.06 3.78
C LEU A 80 3.62 9.41 3.64
N GLY A 81 4.35 8.58 2.89
CA GLY A 81 5.78 8.69 2.80
C GLY A 81 6.54 7.96 3.88
N TYR A 82 5.84 7.20 4.73
CA TYR A 82 6.51 6.50 5.83
C TYR A 82 7.46 5.43 5.31
N ASP A 83 7.08 4.74 4.24
CA ASP A 83 7.85 3.59 3.76
C ASP A 83 8.25 3.78 2.30
N LYS A 84 8.76 2.72 1.68
CA LYS A 84 9.19 2.80 0.30
C LYS A 84 8.04 2.86 -0.69
N PHE A 85 6.80 2.66 -0.23
CA PHE A 85 5.68 2.53 -1.14
C PHE A 85 4.98 3.85 -1.44
N SER A 86 5.37 4.95 -0.81
CA SER A 86 4.65 6.20 -1.02
C SER A 86 5.59 7.40 -0.96
N TYR A 87 5.13 8.48 -1.58
CA TYR A 87 5.82 9.77 -1.63
C TYR A 87 4.84 10.85 -1.24
N SER A 88 5.24 11.77 -0.37
CA SER A 88 4.28 12.73 0.18
C SER A 88 4.89 14.11 0.31
N TRP A 89 4.00 15.06 0.56
CA TRP A 89 4.30 16.49 0.69
C TRP A 89 3.59 16.96 1.95
N ARG A 90 4.34 17.51 2.89
CA ARG A 90 3.80 17.83 4.22
C ARG A 90 3.38 19.30 4.28
N SER A 91 2.19 19.54 4.81
CA SER A 91 1.69 20.90 5.03
C SER A 91 2.68 21.70 5.86
N LYS A 92 3.13 21.14 6.97
CA LYS A 92 4.13 21.77 7.82
C LYS A 92 5.45 21.89 7.07
N LYS A 93 5.86 23.12 6.78
CA LYS A 93 7.15 23.48 6.18
C LYS A 93 7.38 22.98 4.76
N GLY A 94 6.39 22.32 4.15
CA GLY A 94 6.55 21.89 2.76
C GLY A 94 7.53 20.77 2.54
N THR A 95 7.86 20.01 3.59
CA THR A 95 8.78 18.90 3.49
C THR A 95 8.23 17.80 2.59
N LYS A 96 9.12 17.13 1.85
CA LYS A 96 8.78 15.93 1.10
C LYS A 96 9.29 14.71 1.84
N PHE A 97 8.46 13.65 1.89
CA PHE A 97 8.76 12.46 2.65
C PHE A 97 8.72 11.22 1.78
N HIS A 98 9.70 10.35 1.96
CA HIS A 98 9.75 9.04 1.33
C HIS A 98 10.64 8.15 2.18
N GLN A 99 10.16 6.94 2.48
CA GLN A 99 10.85 6.02 3.38
C GLN A 99 11.15 6.68 4.73
N SER A 100 10.25 7.54 5.19
CA SER A 100 10.37 8.27 6.45
C SER A 100 11.51 9.29 6.46
N ILE A 101 12.11 9.58 5.31
CA ILE A 101 13.17 10.58 5.21
C ILE A 101 12.56 11.87 4.67
N GLY A 102 12.57 12.92 5.49
CA GLY A 102 12.03 14.21 5.10
C GLY A 102 13.14 15.11 4.59
N LYS A 103 12.89 15.73 3.44
CA LYS A 103 13.86 16.58 2.78
C LYS A 103 13.24 17.91 2.44
N HIS A 104 14.05 18.96 2.48
CA HIS A 104 13.57 20.28 2.09
C HIS A 104 13.04 20.24 0.66
N TYR A 105 11.89 20.88 0.45
CA TYR A 105 11.29 20.90 -0.88
C TYR A 105 10.69 22.27 -1.19
N SER A 106 9.63 22.65 -0.48
CA SER A 106 8.94 23.90 -0.76
C SER A 106 8.63 24.62 0.54
N SER A 107 8.01 25.79 0.40
CA SER A 107 7.35 26.43 1.52
C SER A 107 6.12 25.63 1.92
N GLY A 108 5.65 25.86 3.13
CA GLY A 108 4.50 25.12 3.63
C GLY A 108 3.23 25.46 2.88
N TYR A 109 2.20 24.66 3.17
CA TYR A 109 0.86 24.97 2.68
C TYR A 109 -0.13 24.77 3.82
N GLY A 110 -1.35 25.23 3.61
CA GLY A 110 -2.34 25.16 4.67
C GLY A 110 -3.74 25.45 4.17
N GLN A 111 -4.56 25.92 5.11
CA GLN A 111 -5.99 26.11 4.86
C GLN A 111 -6.23 27.03 3.67
N GLY A 112 -7.09 26.58 2.75
CA GLY A 112 -7.44 27.34 1.58
C GLY A 112 -6.57 27.09 0.37
N ASP A 113 -5.42 26.45 0.55
CA ASP A 113 -4.54 26.17 -0.57
C ASP A 113 -5.11 25.05 -1.42
N VAL A 114 -4.91 25.15 -2.73
CA VAL A 114 -5.29 24.11 -3.68
C VAL A 114 -4.00 23.51 -4.22
N LEU A 115 -3.77 22.25 -3.92
CA LEU A 115 -2.51 21.61 -4.30
C LEU A 115 -2.74 20.65 -5.44
N GLY A 116 -1.74 20.56 -6.31
CA GLY A 116 -1.81 19.72 -7.48
C GLY A 116 -0.76 18.63 -7.40
N PHE A 117 -1.08 17.47 -7.98
CA PHE A 117 -0.26 16.28 -7.84
C PHE A 117 -0.08 15.66 -9.21
N TYR A 118 1.14 15.73 -9.71
CA TYR A 118 1.51 15.23 -11.03
C TYR A 118 2.44 14.04 -10.85
N ILE A 119 2.20 13.00 -11.65
CA ILE A 119 3.09 11.85 -11.72
C ILE A 119 3.27 11.51 -13.19
N ASN A 120 4.49 11.12 -13.57
CA ASN A 120 4.75 10.64 -14.91
C ASN A 120 5.51 9.32 -14.82
N LEU A 121 4.96 8.29 -15.46
CA LEU A 121 5.55 6.96 -15.50
C LEU A 121 5.70 6.57 -16.97
N PRO A 122 6.82 6.93 -17.61
CA PRO A 122 6.98 6.64 -19.03
C PRO A 122 6.91 5.14 -19.34
N GLU A 123 6.46 4.84 -20.56
CA GLU A 123 6.38 3.45 -21.00
C GLU A 123 7.75 2.80 -21.01
N ASP A 124 8.74 3.48 -21.57
CA ASP A 124 10.11 2.98 -21.64
C ASP A 124 10.85 3.44 -20.39
N THR A 125 11.13 2.50 -19.48
CA THR A 125 11.81 2.83 -18.24
C THR A 125 13.33 2.94 -18.39
N ILE A 126 13.86 2.66 -19.58
CA ILE A 126 15.30 2.71 -19.79
C ILE A 126 15.67 4.00 -20.52
N SER A 127 15.12 4.18 -21.72
CA SER A 127 15.43 5.34 -22.55
C SER A 127 14.31 6.38 -22.57
N GLY A 128 13.29 6.22 -21.75
CA GLY A 128 12.24 7.21 -21.65
C GLY A 128 12.73 8.47 -20.98
N ARG A 129 11.80 9.43 -20.82
CA ARG A 129 12.13 10.71 -20.23
C ARG A 129 12.43 10.64 -18.74
N GLY A 130 12.19 9.51 -18.10
CA GLY A 130 12.39 9.39 -16.67
C GLY A 130 11.12 9.64 -15.88
N SER A 131 10.89 8.84 -14.84
CA SER A 131 9.69 8.99 -14.02
C SER A 131 9.87 10.13 -13.03
N GLU A 132 8.75 10.79 -12.71
CA GLU A 132 8.79 12.02 -11.94
C GLU A 132 7.54 12.17 -11.10
N ILE A 133 7.69 12.78 -9.93
CA ILE A 133 6.59 13.27 -9.11
C ILE A 133 6.80 14.77 -8.91
N ILE A 134 5.77 15.56 -9.21
CA ILE A 134 5.82 17.01 -9.14
C ILE A 134 4.61 17.50 -8.37
N PHE A 135 4.82 18.43 -7.43
CA PHE A 135 3.74 19.04 -6.67
C PHE A 135 3.53 20.49 -7.11
N TYR A 136 2.27 20.92 -7.05
CA TYR A 136 1.87 22.28 -7.41
C TYR A 136 1.17 22.92 -6.22
N LYS A 137 1.40 24.22 -6.03
CA LYS A 137 0.68 25.00 -5.03
C LYS A 137 -0.03 26.15 -5.71
N ASN A 138 -1.36 26.13 -5.68
CA ASN A 138 -2.19 27.18 -6.28
C ASN A 138 -1.76 27.46 -7.71
N GLY A 139 -1.45 26.39 -8.44
CA GLY A 139 -1.10 26.47 -9.85
C GLY A 139 0.36 26.69 -10.15
N VAL A 140 1.23 26.73 -9.14
CA VAL A 140 2.65 27.02 -9.34
C VAL A 140 3.44 25.73 -9.12
N ASN A 141 4.14 25.30 -10.17
CA ASN A 141 5.05 24.17 -10.10
C ASN A 141 6.09 24.37 -9.01
N GLN A 142 6.12 23.47 -8.04
CA GLN A 142 7.07 23.57 -6.94
C GLN A 142 8.37 22.81 -7.19
N GLY A 143 8.53 22.23 -8.38
CA GLY A 143 9.74 21.52 -8.72
C GLY A 143 9.55 20.00 -8.68
N VAL A 144 10.48 19.31 -9.33
CA VAL A 144 10.49 17.85 -9.32
C VAL A 144 10.84 17.40 -7.91
N ALA A 145 9.88 16.77 -7.23
CA ALA A 145 10.12 16.30 -5.87
C ALA A 145 10.87 14.98 -5.87
N TYR A 146 10.48 14.05 -6.74
CA TYR A 146 11.13 12.75 -6.80
C TYR A 146 11.25 12.31 -8.26
N LYS A 147 12.33 11.59 -8.55
CA LYS A 147 12.60 11.08 -9.88
C LYS A 147 13.06 9.64 -9.75
N ASP A 148 12.90 8.89 -10.85
CA ASP A 148 13.31 7.48 -10.90
C ASP A 148 12.66 6.69 -9.77
N ILE A 149 11.33 6.79 -9.68
CA ILE A 149 10.61 6.20 -8.57
C ILE A 149 10.40 4.71 -8.81
N PHE A 150 10.11 3.99 -7.73
N PHE A 150 10.10 3.99 -7.73
CA PHE A 150 9.83 2.57 -7.82
CA PHE A 150 9.84 2.57 -7.82
C PHE A 150 8.71 2.31 -8.81
C PHE A 150 8.70 2.29 -8.80
N GLU A 151 8.92 1.37 -9.73
CA GLU A 151 7.88 0.98 -10.65
C GLU A 151 6.74 0.31 -9.89
N GLY A 152 5.53 0.50 -10.38
CA GLY A 152 4.35 -0.05 -9.71
C GLY A 152 3.14 0.80 -10.03
N VAL A 153 2.03 0.45 -9.37
CA VAL A 153 0.77 1.16 -9.51
C VAL A 153 0.66 2.17 -8.38
N TYR A 154 0.39 3.42 -8.73
CA TYR A 154 0.36 4.51 -7.78
C TYR A 154 -1.06 5.05 -7.65
N PHE A 155 -1.54 5.15 -6.42
CA PHE A 155 -2.86 5.65 -6.11
C PHE A 155 -2.75 7.02 -5.49
N PRO A 156 -3.57 7.98 -5.91
CA PRO A 156 -3.72 9.21 -5.13
C PRO A 156 -3.97 8.87 -3.67
N ALA A 157 -3.30 9.59 -2.77
CA ALA A 157 -3.29 9.19 -1.38
C ALA A 157 -3.26 10.41 -0.47
N ILE A 158 -3.93 10.26 0.68
CA ILE A 158 -4.13 11.32 1.65
C ILE A 158 -3.86 10.74 3.03
N SER A 159 -2.94 11.36 3.77
CA SER A 159 -2.80 11.04 5.19
C SER A 159 -2.95 12.32 5.99
N LEU A 160 -3.70 12.24 7.09
CA LEU A 160 -4.08 13.41 7.86
C LEU A 160 -3.73 13.19 9.33
N TYR A 161 -3.21 14.23 9.96
CA TYR A 161 -2.88 14.22 11.38
C TYR A 161 -3.90 15.10 12.11
N LYS A 162 -4.68 14.47 12.99
CA LYS A 162 -5.76 15.13 13.72
C LYS A 162 -6.83 15.69 12.79
N SER A 163 -7.71 16.54 13.31
CA SER A 163 -9.01 16.79 12.68
C SER A 163 -8.95 17.94 11.67
N CYS A 164 -8.07 17.79 10.68
CA CYS A 164 -8.12 18.68 9.53
C CYS A 164 -8.98 18.07 8.42
N THR A 165 -9.40 18.90 7.48
CA THR A 165 -10.34 18.50 6.44
C THR A 165 -9.80 18.88 5.08
N VAL A 166 -9.76 17.90 4.16
CA VAL A 166 -9.36 18.14 2.79
C VAL A 166 -10.38 17.50 1.84
N SER A 167 -10.41 18.03 0.62
CA SER A 167 -11.26 17.51 -0.43
C SER A 167 -10.40 17.23 -1.66
N ILE A 168 -10.64 16.09 -2.29
CA ILE A 168 -9.85 15.64 -3.43
C ILE A 168 -10.70 15.80 -4.69
N ASN A 169 -10.07 16.30 -5.76
CA ASN A 169 -10.71 16.50 -7.05
C ASN A 169 -9.88 15.76 -8.08
N PHE A 170 -10.43 14.67 -8.61
CA PHE A 170 -9.73 13.84 -9.58
C PHE A 170 -9.87 14.35 -11.00
N GLY A 171 -10.65 15.39 -11.22
CA GLY A 171 -10.95 15.86 -12.55
C GLY A 171 -12.37 15.52 -12.96
N PRO A 172 -12.72 15.80 -14.22
CA PRO A 172 -11.82 16.32 -15.26
C PRO A 172 -11.52 17.83 -15.21
N CYS A 173 -12.26 18.59 -14.40
CA CYS A 173 -12.09 20.04 -14.32
CA CYS A 173 -12.08 20.04 -14.32
C CYS A 173 -11.29 20.38 -13.08
N PHE A 174 -10.16 21.06 -13.26
CA PHE A 174 -9.29 21.45 -12.17
C PHE A 174 -9.34 22.97 -11.97
N LYS A 175 -9.06 23.40 -10.74
CA LYS A 175 -9.06 24.83 -10.45
C LYS A 175 -7.82 25.51 -11.02
N TYR A 176 -6.68 24.83 -10.97
CA TYR A 176 -5.42 25.35 -11.50
C TYR A 176 -4.77 24.32 -12.39
N PRO A 177 -5.33 24.06 -13.57
CA PRO A 177 -4.71 23.09 -14.50
C PRO A 177 -3.32 23.55 -14.87
N PRO A 178 -2.32 22.67 -14.80
CA PRO A 178 -0.94 23.07 -15.09
C PRO A 178 -0.79 23.57 -16.51
N LYS A 179 0.00 24.62 -16.67
CA LYS A 179 0.25 25.21 -17.97
C LYS A 179 1.52 24.68 -18.63
N ASP A 180 2.37 23.99 -17.87
CA ASP A 180 3.70 23.61 -18.35
C ASP A 180 3.83 22.15 -18.74
N LEU A 181 2.84 21.31 -18.42
CA LEU A 181 2.95 19.87 -18.69
C LEU A 181 1.62 19.35 -19.21
N THR A 182 1.70 18.26 -19.98
CA THR A 182 0.51 17.53 -20.37
C THR A 182 0.26 16.37 -19.41
N TYR A 183 -0.98 15.92 -19.37
CA TYR A 183 -1.43 14.93 -18.39
C TYR A 183 -2.84 14.51 -18.75
N ARG A 184 -3.23 13.37 -18.19
CA ARG A 184 -4.63 12.98 -18.15
C ARG A 184 -5.17 13.19 -16.74
N PRO A 185 -6.42 13.58 -16.59
CA PRO A 185 -6.99 13.66 -15.24
C PRO A 185 -7.14 12.26 -14.66
N MET A 186 -6.90 12.15 -13.35
CA MET A 186 -7.11 10.86 -12.68
C MET A 186 -8.50 10.32 -12.95
N SER A 187 -9.48 11.20 -13.17
CA SER A 187 -10.86 10.76 -13.39
C SER A 187 -11.00 9.89 -14.64
N ASP A 188 -10.03 9.95 -15.56
CA ASP A 188 -10.08 9.08 -16.73
C ASP A 188 -9.98 7.60 -16.37
N MET A 189 -9.55 7.28 -15.14
CA MET A 189 -9.42 5.89 -14.73
C MET A 189 -10.76 5.26 -14.30
N GLY A 190 -11.77 6.07 -14.05
CA GLY A 190 -13.09 5.53 -13.77
C GLY A 190 -13.73 5.00 -15.04
N TRP A 191 -14.37 3.83 -14.94
CA TRP A 191 -14.94 3.22 -16.14
C TRP A 191 -16.07 4.04 -16.72
N GLY A 192 -16.66 4.94 -15.93
CA GLY A 192 -17.62 5.88 -16.48
C GLY A 192 -16.99 6.84 -17.48
N ALA A 193 -15.73 7.23 -17.25
CA ALA A 193 -15.04 8.08 -18.21
C ALA A 193 -14.76 7.33 -19.52
N VAL A 194 -14.48 6.03 -19.43
CA VAL A 194 -14.27 5.24 -20.64
C VAL A 194 -15.56 5.16 -21.46
N VAL A 195 -16.70 5.06 -20.77
CA VAL A 195 -17.99 5.09 -21.46
C VAL A 195 -18.18 6.44 -22.15
N GLU A 196 -17.90 7.53 -21.42
CA GLU A 196 -18.06 8.86 -21.99
C GLU A 196 -17.16 9.07 -23.20
N HIS A 197 -15.92 8.56 -23.14
CA HIS A 197 -15.01 8.71 -24.26
C HIS A 197 -15.45 7.88 -25.45
N THR A 198 -15.95 6.66 -25.20
CA THR A 198 -16.47 5.84 -26.28
C THR A 198 -17.60 6.53 -27.02
N LEU A 199 -18.56 7.08 -26.28
CA LEU A 199 -19.69 7.76 -26.92
C LEU A 199 -19.23 9.05 -27.59
N ALA A 200 -18.32 9.79 -26.96
CA ALA A 200 -17.81 11.02 -27.58
C ALA A 200 -17.15 10.74 -28.92
N ASP A 201 -16.36 9.66 -29.00
CA ASP A 201 -15.74 9.27 -30.26
C ASP A 201 -16.80 8.87 -31.28
N VAL A 202 -17.83 8.13 -30.86
CA VAL A 202 -18.88 7.71 -31.77
C VAL A 202 -19.62 8.92 -32.31
N LEU A 203 -19.90 9.90 -31.45
CA LEU A 203 -20.60 11.11 -31.87
C LEU A 203 -19.79 11.90 -32.90
N TYR A 204 -18.47 11.99 -32.69
CA TYR A 204 -17.61 12.61 -33.69
C TYR A 204 -17.70 11.89 -35.02
N HIS A 205 -17.69 10.56 -34.97
CA HIS A 205 -17.82 9.76 -36.20
C HIS A 205 -19.16 10.01 -36.88
N VAL A 206 -20.25 10.04 -36.11
CA VAL A 206 -21.57 10.31 -36.67
C VAL A 206 -21.57 11.66 -37.37
N GLU A 207 -20.97 12.66 -36.74
CA GLU A 207 -20.88 14.00 -37.34
C GLU A 207 -20.19 13.95 -38.69
N THR A 208 -19.12 13.14 -38.80
CA THR A 208 -18.46 12.99 -40.10
C THR A 208 -19.39 12.32 -41.11
N GLU A 209 -20.14 11.30 -40.68
CA GLU A 209 -21.01 10.58 -41.60
C GLU A 209 -22.13 11.48 -42.12
N VAL A 210 -22.63 12.38 -41.28
CA VAL A 210 -23.83 13.16 -41.62
C VAL A 210 -23.46 14.49 -42.27
N ASP A 211 -22.53 15.24 -41.67
CA ASP A 211 -22.22 16.58 -42.14
C ASP A 211 -20.99 16.65 -43.04
N GLY A 212 -20.14 15.63 -43.04
CA GLY A 212 -18.79 15.79 -43.53
C GLY A 212 -18.02 16.74 -42.63
N ARG A 213 -16.80 17.05 -43.03
CA ARG A 213 -15.97 18.01 -42.30
C ARG A 213 -15.20 18.87 -43.28
N ARG A 214 -14.97 20.11 -42.88
CA ARG A 214 -14.25 21.06 -43.71
C ARG A 214 -13.00 21.57 -43.00
N SER B 51 4.47 -35.33 -6.06
CA SER B 51 5.15 -35.29 -4.77
C SER B 51 6.64 -35.03 -4.94
N LEU B 52 7.13 -34.01 -4.24
CA LEU B 52 8.47 -33.49 -4.43
C LEU B 52 9.47 -34.27 -3.58
N PRO B 53 10.77 -34.09 -3.82
CA PRO B 53 11.78 -34.63 -2.91
C PRO B 53 11.59 -34.09 -1.49
N THR B 54 12.29 -34.73 -0.55
CA THR B 54 12.06 -34.47 0.87
C THR B 54 12.28 -33.01 1.22
N ARG B 55 13.47 -32.49 0.94
CA ARG B 55 13.77 -31.10 1.29
C ARG B 55 12.86 -30.14 0.53
N ALA B 56 12.65 -30.39 -0.76
CA ALA B 56 11.71 -29.56 -1.50
C ALA B 56 10.33 -29.58 -0.86
N TYR B 57 9.82 -30.79 -0.52
CA TYR B 57 8.49 -30.88 0.05
C TYR B 57 8.35 -30.06 1.33
N LEU B 58 9.35 -30.13 2.22
CA LEU B 58 9.26 -29.39 3.47
C LEU B 58 9.41 -27.88 3.24
N ASP B 59 10.21 -27.49 2.23
CA ASP B 59 10.33 -26.08 1.90
C ASP B 59 9.00 -25.48 1.48
N GLN B 60 8.19 -26.24 0.73
CA GLN B 60 6.93 -25.72 0.21
C GLN B 60 5.77 -25.86 1.18
N THR B 61 5.92 -26.59 2.27
CA THR B 61 4.81 -26.83 3.19
C THR B 61 5.00 -26.09 4.51
N VAL B 62 6.03 -26.42 5.29
CA VAL B 62 6.11 -25.99 6.67
C VAL B 62 7.30 -25.07 6.96
N VAL B 63 8.33 -25.04 6.12
CA VAL B 63 9.53 -24.27 6.45
C VAL B 63 9.23 -22.78 6.66
N PRO B 64 8.48 -22.09 5.79
CA PRO B 64 8.23 -20.66 6.02
C PRO B 64 7.58 -20.35 7.37
N ILE B 65 6.51 -21.05 7.73
CA ILE B 65 5.87 -20.78 9.02
C ILE B 65 6.75 -21.24 10.16
N LEU B 66 7.49 -22.34 9.97
CA LEU B 66 8.37 -22.84 11.03
C LEU B 66 9.48 -21.84 11.35
N LEU B 67 10.07 -21.24 10.30
CA LEU B 67 11.08 -20.21 10.51
C LEU B 67 10.53 -19.07 11.37
N GLN B 68 9.29 -18.68 11.11
CA GLN B 68 8.67 -17.59 11.86
C GLN B 68 8.46 -17.99 13.32
N GLY B 69 7.95 -19.19 13.55
CA GLY B 69 7.75 -19.64 14.92
C GLY B 69 9.04 -19.76 15.70
N LEU B 70 10.08 -20.31 15.04
CA LEU B 70 11.39 -20.40 15.68
C LEU B 70 11.93 -19.01 16.02
N ALA B 71 11.68 -18.03 15.14
CA ALA B 71 12.15 -16.67 15.39
C ALA B 71 11.46 -16.07 16.61
N VAL B 72 10.12 -16.20 16.68
CA VAL B 72 9.40 -15.74 17.87
C VAL B 72 9.90 -16.46 19.11
N LEU B 73 10.10 -17.77 19.00
CA LEU B 73 10.61 -18.57 20.11
C LEU B 73 11.95 -18.04 20.61
N ALA B 74 12.89 -17.84 19.69
CA ALA B 74 14.22 -17.36 20.08
C ALA B 74 14.17 -15.95 20.66
N LYS B 75 13.23 -15.12 20.19
CA LYS B 75 13.12 -13.76 20.69
C LYS B 75 12.57 -13.75 22.11
N GLU B 76 11.46 -14.46 22.34
CA GLU B 76 10.71 -14.31 23.57
C GLU B 76 11.07 -15.35 24.63
N ARG B 77 11.70 -16.46 24.24
CA ARG B 77 12.10 -17.54 25.13
C ARG B 77 10.94 -17.92 26.07
N PRO B 78 9.79 -18.33 25.53
CA PRO B 78 8.59 -18.50 26.35
C PRO B 78 8.70 -19.70 27.27
N PRO B 79 7.76 -19.86 28.21
CA PRO B 79 7.96 -20.88 29.27
C PRO B 79 7.84 -22.33 28.79
N ASN B 80 6.93 -22.63 27.86
CA ASN B 80 6.73 -24.00 27.37
C ASN B 80 6.94 -24.00 25.87
N PRO B 81 8.20 -24.02 25.43
CA PRO B 81 8.50 -23.71 24.01
C PRO B 81 7.90 -24.67 23.02
N ILE B 82 7.82 -25.97 23.33
CA ILE B 82 7.21 -26.90 22.39
C ILE B 82 5.73 -26.60 22.22
N GLU B 83 5.01 -26.45 23.35
CA GLU B 83 3.61 -26.05 23.28
C GLU B 83 3.47 -24.69 22.60
N PHE B 84 4.29 -23.72 23.01
CA PHE B 84 4.25 -22.40 22.40
C PHE B 84 4.42 -22.49 20.88
N LEU B 85 5.34 -23.33 20.42
CA LEU B 85 5.55 -23.46 18.99
C LEU B 85 4.38 -24.17 18.31
N ALA B 86 3.85 -25.21 18.94
CA ALA B 86 2.67 -25.88 18.40
C ALA B 86 1.50 -24.92 18.28
N SER B 87 1.27 -24.12 19.34
CA SER B 87 0.20 -23.12 19.28
C SER B 87 0.46 -22.09 18.19
N TYR B 88 1.73 -21.69 18.00
CA TYR B 88 2.02 -20.70 16.96
C TYR B 88 1.68 -21.25 15.58
N LEU B 89 1.98 -22.52 15.33
CA LEU B 89 1.67 -23.11 14.03
C LEU B 89 0.17 -23.12 13.78
N LEU B 90 -0.63 -23.40 14.81
CA LEU B 90 -2.07 -23.49 14.63
C LEU B 90 -2.69 -22.11 14.44
N LYS B 91 -2.33 -21.14 15.30
CA LYS B 91 -2.88 -19.79 15.18
C LYS B 91 -2.58 -19.14 13.83
N ASN B 92 -1.52 -19.56 13.14
CA ASN B 92 -1.08 -18.90 11.92
C ASN B 92 -1.19 -19.77 10.69
N LYS B 93 -1.82 -20.96 10.79
CA LYS B 93 -1.86 -21.90 9.68
C LYS B 93 -2.42 -21.28 8.41
N ALA B 94 -3.47 -20.47 8.53
CA ALA B 94 -4.19 -20.02 7.34
C ALA B 94 -3.33 -19.13 6.46
N GLN B 95 -2.47 -18.32 7.07
CA GLN B 95 -1.61 -17.41 6.31
C GLN B 95 -0.62 -18.15 5.44
N PHE B 96 -0.40 -19.45 5.68
CA PHE B 96 0.50 -20.26 4.89
C PHE B 96 -0.16 -21.47 4.26
N GLU B 97 -1.32 -21.89 4.75
CA GLU B 97 -2.05 -23.06 4.21
C GLU B 97 -2.30 -22.94 2.71
N ASP C 48 19.01 -19.08 33.27
CA ASP C 48 19.68 -20.33 32.95
C ASP C 48 19.56 -20.63 31.47
N LEU C 49 18.32 -20.87 31.05
CA LEU C 49 18.01 -21.20 29.66
C LEU C 49 17.69 -19.98 28.82
N GLN C 50 17.13 -18.93 29.45
CA GLN C 50 16.92 -17.67 28.75
C GLN C 50 18.22 -16.99 28.38
N SER C 51 19.34 -17.41 28.99
CA SER C 51 20.64 -16.80 28.78
C SER C 51 21.47 -17.50 27.70
N LEU C 52 20.95 -18.57 27.11
CA LEU C 52 21.73 -19.33 26.14
C LEU C 52 21.79 -18.58 24.81
N PRO C 53 22.90 -18.70 24.09
CA PRO C 53 22.95 -18.17 22.72
C PRO C 53 21.88 -18.83 21.87
N THR C 54 21.48 -18.11 20.82
CA THR C 54 20.35 -18.48 19.98
C THR C 54 20.31 -19.98 19.64
N ARG C 55 21.38 -20.47 19.01
CA ARG C 55 21.34 -21.85 18.51
C ARG C 55 21.31 -22.86 19.65
N ALA C 56 22.06 -22.61 20.72
CA ALA C 56 22.02 -23.53 21.87
C ALA C 56 20.64 -23.52 22.52
N TYR C 57 19.98 -22.36 22.57
CA TYR C 57 18.62 -22.31 23.10
C TYR C 57 17.70 -23.22 22.30
N LEU C 58 17.77 -23.14 20.97
CA LEU C 58 16.93 -23.99 20.13
C LEU C 58 17.32 -25.46 20.29
N ASP C 59 18.63 -25.74 20.38
CA ASP C 59 19.10 -27.11 20.62
C ASP C 59 18.40 -27.74 21.82
N GLN C 60 18.29 -26.99 22.91
CA GLN C 60 17.85 -27.54 24.17
C GLN C 60 16.34 -27.45 24.38
N THR C 61 15.61 -26.90 23.39
CA THR C 61 14.16 -26.78 23.51
C THR C 61 13.44 -27.57 22.43
N VAL C 62 13.54 -27.19 21.15
CA VAL C 62 12.61 -27.69 20.14
C VAL C 62 13.27 -28.51 19.03
N VAL C 63 14.59 -28.46 18.88
CA VAL C 63 15.20 -29.11 17.72
C VAL C 63 15.03 -30.63 17.74
N PRO C 64 15.25 -31.34 18.86
CA PRO C 64 15.06 -32.79 18.82
C PRO C 64 13.67 -33.24 18.39
N ILE C 65 12.61 -32.64 18.94
CA ILE C 65 11.27 -33.04 18.54
C ILE C 65 11.00 -32.64 17.09
N LEU C 66 11.54 -31.49 16.66
CA LEU C 66 11.38 -31.08 15.27
C LEU C 66 12.13 -32.01 14.33
N LEU C 67 13.32 -32.44 14.73
CA LEU C 67 14.10 -33.36 13.90
C LEU C 67 13.32 -34.64 13.62
N GLN C 68 12.68 -35.21 14.64
CA GLN C 68 11.89 -36.41 14.43
C GLN C 68 10.57 -36.09 13.75
N GLY C 69 9.94 -34.98 14.13
CA GLY C 69 8.64 -34.65 13.57
C GLY C 69 8.69 -34.32 12.09
N LEU C 70 9.74 -33.61 11.67
CA LEU C 70 9.87 -33.27 10.26
C LEU C 70 10.11 -34.51 9.41
N ALA C 71 10.81 -35.51 9.95
CA ALA C 71 11.02 -36.75 9.21
C ALA C 71 9.72 -37.53 9.08
N VAL C 72 8.95 -37.61 10.16
CA VAL C 72 7.65 -38.27 10.09
C VAL C 72 6.76 -37.58 9.06
N LEU C 73 6.71 -36.24 9.11
CA LEU C 73 5.91 -35.49 8.15
C LEU C 73 6.37 -35.77 6.73
N ALA C 74 7.68 -35.77 6.49
CA ALA C 74 8.20 -35.99 5.15
C ALA C 74 7.82 -37.37 4.62
N LYS C 75 7.66 -38.35 5.50
CA LYS C 75 7.33 -39.70 5.07
C LYS C 75 5.83 -39.87 4.84
N GLU C 76 5.01 -39.25 5.67
CA GLU C 76 3.56 -39.48 5.58
C GLU C 76 2.93 -38.66 4.47
N ARG C 77 3.41 -37.44 4.25
CA ARG C 77 2.82 -36.52 3.30
C ARG C 77 1.31 -36.33 3.51
N PRO C 78 0.89 -35.95 4.72
CA PRO C 78 -0.55 -35.78 4.97
C PRO C 78 -1.07 -34.54 4.27
N PRO C 79 -2.39 -34.42 4.11
CA PRO C 79 -2.94 -33.26 3.38
C PRO C 79 -2.92 -31.95 4.14
N ASN C 80 -2.71 -31.97 5.46
CA ASN C 80 -2.63 -30.76 6.27
C ASN C 80 -1.26 -30.73 6.96
N PRO C 81 -0.19 -30.42 6.22
CA PRO C 81 1.16 -30.51 6.80
C PRO C 81 1.36 -29.69 8.06
N ILE C 82 0.94 -28.41 8.05
CA ILE C 82 1.22 -27.52 9.17
C ILE C 82 0.55 -28.03 10.44
N GLU C 83 -0.72 -28.42 10.33
CA GLU C 83 -1.47 -28.89 11.48
C GLU C 83 -1.00 -30.26 11.93
N PHE C 84 -0.65 -31.12 10.98
CA PHE C 84 -0.02 -32.39 11.33
C PHE C 84 1.22 -32.17 12.19
N LEU C 85 2.08 -31.25 11.77
CA LEU C 85 3.30 -30.98 12.54
C LEU C 85 2.97 -30.44 13.92
N ALA C 86 2.05 -29.47 13.99
CA ALA C 86 1.63 -28.94 15.29
C ALA C 86 1.03 -30.05 16.15
N SER C 87 0.28 -30.97 15.55
CA SER C 87 -0.25 -32.10 16.31
C SER C 87 0.88 -32.98 16.82
N TYR C 88 1.84 -33.32 15.96
CA TYR C 88 2.96 -34.14 16.37
C TYR C 88 3.66 -33.57 17.59
N LEU C 89 3.88 -32.25 17.59
CA LEU C 89 4.52 -31.59 18.73
C LEU C 89 3.72 -31.82 20.00
N LEU C 90 2.40 -31.65 19.93
CA LEU C 90 1.57 -31.81 21.12
C LEU C 90 1.47 -33.27 21.56
N LYS C 91 1.27 -34.18 20.59
CA LYS C 91 1.15 -35.60 20.94
C LYS C 91 2.43 -36.14 21.56
N ASN C 92 3.59 -35.64 21.12
CA ASN C 92 4.86 -36.24 21.49
C ASN C 92 5.67 -35.38 22.46
N LYS C 93 5.12 -34.27 22.93
CA LYS C 93 5.86 -33.33 23.77
C LYS C 93 6.46 -34.00 25.00
N ALA C 94 5.77 -35.00 25.55
CA ALA C 94 6.15 -35.52 26.85
C ALA C 94 7.50 -36.23 26.82
N GLN C 95 7.83 -36.87 25.71
CA GLN C 95 9.12 -37.55 25.58
C GLN C 95 10.27 -36.57 25.32
N PHE C 96 9.99 -35.28 25.16
CA PHE C 96 11.02 -34.31 24.89
C PHE C 96 11.09 -33.18 25.91
N GLU C 97 10.16 -33.10 26.84
CA GLU C 97 10.21 -32.10 27.89
C GLU C 97 10.58 -32.71 29.24
#